data_7XBI
#
_entry.id   7XBI
#
_cell.length_a   52.010
_cell.length_b   52.010
_cell.length_c   229.510
_cell.angle_alpha   90.000
_cell.angle_beta   90.000
_cell.angle_gamma   120.000
#
_symmetry.space_group_name_H-M   'P 31 1 2'
#
loop_
_entity.id
_entity.type
_entity.pdbx_description
1 polymer 'High affinity nerve growth factor receptor'
2 non-polymer 4-[[2-fluoranyl-5-(trifluoromethyl)phenyl]carbamoylamino]-~{N}-[3-(1-methylpyrazol-4-yl)-1~{H}-indazol-5-yl]-2-(trifluoromethyl)benzamide
3 non-polymer 'CHLORIDE ION'
4 water water
#
_entity_poly.entity_id   1
_entity_poly.type   'polypeptide(L)'
_entity_poly.pdbx_seq_one_letter_code
;GLQGHIIENPQYFSDACVHHIKRRDIVLKWELGEGAFGKVFLAECHNLLPEQDKMLVAVKALKEASESARQDFQREAELL
TMLQHQHIVRFFGVCTEGRPLLMVFEYMRHGDLNRFLRSHGPDAKLLAGGEDVAPGPLGLGQLLAVASQVAAGMVYLAGL
HFVHRDLATRNCLVGQGLVVKIGDFGMSRDIYSTDYYRVGGRTMLPIRWMPPESILYRKFTTESDVWSFGVVLWEIFTYG
KQPWYQLSNTEAIDCITQGRELERPRACPPEVYAIMRGCWQREPQQRHSIKDVHARLQALAQAPPVYLDVL
;
_entity_poly.pdbx_strand_id   A
#
# COMPACT_ATOMS: atom_id res chain seq x y z
N PHE A 13 5.01 16.36 23.39
CA PHE A 13 3.61 16.13 23.69
C PHE A 13 2.89 15.32 22.61
N SER A 14 3.56 14.31 22.07
CA SER A 14 2.89 13.43 21.11
C SER A 14 1.59 12.90 21.71
N ASP A 15 1.63 12.56 22.99
CA ASP A 15 0.46 12.34 23.84
C ASP A 15 -0.82 13.04 23.42
N ALA A 16 -0.70 14.34 23.15
CA ALA A 16 -1.86 15.19 22.91
C ALA A 16 -2.30 15.15 21.46
N CYS A 17 -1.46 14.66 20.57
CA CYS A 17 -1.84 14.53 19.16
C CYS A 17 -2.75 13.33 18.95
N VAL A 18 -2.50 12.26 19.64
CA VAL A 18 -3.05 10.97 19.29
C VAL A 18 -4.35 10.71 20.06
N HIS A 19 -5.30 10.05 19.43
CA HIS A 19 -6.47 9.57 20.15
C HIS A 19 -6.16 8.34 20.96
N HIS A 20 -6.82 8.24 22.11
CA HIS A 20 -6.63 7.12 23.03
C HIS A 20 -7.90 6.32 23.20
N ILE A 21 -7.74 5.02 23.37
CA ILE A 21 -8.82 4.06 23.48
C ILE A 21 -8.62 3.31 24.77
N LYS A 22 -9.72 3.12 25.51
CA LYS A 22 -9.69 2.41 26.77
C LYS A 22 -9.46 0.92 26.54
N ARG A 23 -8.59 0.33 27.33
CA ARG A 23 -8.28 -1.07 27.06
C ARG A 23 -9.54 -1.92 27.17
N ARG A 24 -10.43 -1.60 28.11
CA ARG A 24 -11.64 -2.40 28.31
C ARG A 24 -12.58 -2.34 27.11
N ASP A 25 -12.42 -1.34 26.22
CA ASP A 25 -13.25 -1.28 25.03
C ASP A 25 -12.78 -2.22 23.91
N ILE A 26 -11.59 -2.81 24.02
CA ILE A 26 -11.04 -3.70 22.99
C ILE A 26 -11.17 -5.13 23.46
N VAL A 27 -11.70 -6.00 22.60
CA VAL A 27 -11.82 -7.43 22.90
C VAL A 27 -11.14 -8.19 21.78
N LEU A 28 -9.97 -8.78 22.07
CA LEU A 28 -9.24 -9.51 21.04
C LEU A 28 -10.05 -10.75 20.65
N LYS A 29 -10.08 -11.07 19.35
CA LYS A 29 -10.73 -12.27 18.85
C LYS A 29 -9.74 -13.33 18.40
N TRP A 30 -8.85 -13.01 17.48
CA TRP A 30 -7.87 -13.99 17.09
C TRP A 30 -6.80 -13.25 16.31
N GLU A 31 -5.65 -13.88 16.19
CA GLU A 31 -4.52 -13.24 15.53
C GLU A 31 -4.74 -13.19 14.02
N LEU A 32 -4.31 -12.07 13.41
CA LEU A 32 -4.26 -11.78 11.99
C LEU A 32 -2.85 -11.92 11.39
N GLY A 33 -1.81 -11.70 12.19
CA GLY A 33 -0.47 -11.63 11.67
C GLY A 33 0.51 -11.42 12.81
N GLU A 34 1.75 -11.74 12.55
CA GLU A 34 2.76 -11.72 13.60
C GLU A 34 4.11 -11.35 13.00
N GLY A 35 4.84 -10.51 13.72
CA GLY A 35 6.18 -10.13 13.32
C GLY A 35 7.12 -9.98 14.50
N ALA A 36 8.31 -9.44 14.26
CA ALA A 36 9.29 -9.32 15.33
C ALA A 36 8.81 -8.35 16.40
N PHE A 37 8.19 -7.24 15.99
CA PHE A 37 7.86 -6.17 16.91
C PHE A 37 6.42 -6.21 17.39
N GLY A 38 5.70 -7.30 17.15
CA GLY A 38 4.38 -7.44 17.75
C GLY A 38 3.45 -8.31 16.94
N LYS A 39 2.28 -8.55 17.52
CA LYS A 39 1.25 -9.39 16.93
C LYS A 39 0.07 -8.49 16.56
N VAL A 40 -0.66 -8.88 15.52
CA VAL A 40 -1.82 -8.12 15.06
C VAL A 40 -3.05 -9.01 15.26
N PHE A 41 -4.06 -8.44 15.88
CA PHE A 41 -5.26 -9.18 16.19
C PHE A 41 -6.43 -8.53 15.50
N LEU A 42 -7.39 -9.36 15.14
CA LEU A 42 -8.73 -8.88 14.89
C LEU A 42 -9.42 -8.72 16.22
N ALA A 43 -10.18 -7.64 16.36
CA ALA A 43 -10.72 -7.30 17.65
C ALA A 43 -12.07 -6.61 17.47
N GLU A 44 -12.85 -6.67 18.51
CA GLU A 44 -14.04 -5.80 18.67
C GLU A 44 -13.63 -4.56 19.42
N CYS A 45 -14.08 -3.40 18.95
CA CYS A 45 -13.85 -2.15 19.68
C CYS A 45 -15.18 -1.48 19.96
N HIS A 46 -15.46 -1.27 21.24
CA HIS A 46 -16.73 -0.73 21.71
C HIS A 46 -16.61 0.77 21.89
N ASN A 47 -17.72 1.46 21.66
CA ASN A 47 -17.85 2.89 21.93
C ASN A 47 -16.75 3.69 21.26
N LEU A 48 -16.40 3.28 20.05
CA LEU A 48 -15.45 4.00 19.22
C LEU A 48 -16.14 4.82 18.14
N LEU A 49 -17.14 4.26 17.49
CA LEU A 49 -17.88 5.07 16.52
C LEU A 49 -19.33 5.26 16.99
N PRO A 50 -19.88 6.47 16.81
CA PRO A 50 -21.12 6.80 17.52
C PRO A 50 -22.27 5.84 17.26
N GLU A 51 -22.52 5.52 15.99
CA GLU A 51 -23.64 4.67 15.61
C GLU A 51 -23.28 3.19 15.58
N GLN A 52 -22.13 2.83 16.15
CA GLN A 52 -21.73 1.43 16.31
C GLN A 52 -21.36 1.21 17.77
N ASP A 53 -22.19 0.47 18.49
CA ASP A 53 -21.79 0.01 19.82
C ASP A 53 -20.56 -0.88 19.72
N LYS A 54 -20.42 -1.62 18.61
CA LYS A 54 -19.31 -2.53 18.39
C LYS A 54 -18.95 -2.57 16.92
N MET A 55 -17.64 -2.50 16.63
CA MET A 55 -17.13 -2.70 15.28
C MET A 55 -15.83 -3.48 15.38
N LEU A 56 -15.47 -4.09 14.26
CA LEU A 56 -14.20 -4.80 14.15
C LEU A 56 -13.06 -3.85 13.87
N VAL A 57 -11.90 -4.13 14.46
CA VAL A 57 -10.69 -3.36 14.26
C VAL A 57 -9.56 -4.36 14.17
N ALA A 58 -8.42 -3.92 13.57
CA ALA A 58 -7.16 -4.65 13.70
C ALA A 58 -6.28 -3.94 14.72
N VAL A 59 -5.82 -4.68 15.72
CA VAL A 59 -5.04 -4.16 16.84
C VAL A 59 -3.63 -4.72 16.81
N LYS A 60 -2.64 -3.83 16.85
CA LYS A 60 -1.25 -4.26 16.99
C LYS A 60 -0.81 -4.13 18.43
N ALA A 61 -0.35 -5.25 18.98
CA ALA A 61 0.21 -5.29 20.32
C ALA A 61 1.73 -5.24 20.21
N LEU A 62 2.30 -4.19 20.77
CA LEU A 62 3.75 -3.96 20.69
C LEU A 62 4.47 -4.97 21.57
N LYS A 63 5.25 -5.85 20.91
CA LYS A 63 6.35 -6.56 21.56
C LYS A 63 7.48 -5.56 21.78
N GLU A 64 7.91 -5.39 23.02
CA GLU A 64 8.70 -4.22 23.39
C GLU A 64 10.19 -4.50 23.29
N ALA A 65 10.89 -3.65 22.52
CA ALA A 65 12.32 -3.40 22.66
C ALA A 65 12.57 -2.13 23.46
N SER A 66 11.68 -1.86 24.43
CA SER A 66 11.83 -0.83 25.47
C SER A 66 11.95 0.54 24.81
N GLU A 67 12.89 1.39 25.21
CA GLU A 67 12.76 2.82 24.97
C GLU A 67 12.68 3.17 23.49
N SER A 68 13.27 2.33 22.62
CA SER A 68 13.21 2.62 21.19
C SER A 68 11.88 2.21 20.58
N ALA A 69 11.34 1.06 20.99
CA ALA A 69 10.01 0.70 20.53
C ALA A 69 8.97 1.70 21.01
N ARG A 70 9.07 2.14 22.26
CA ARG A 70 8.11 3.12 22.76
C ARG A 70 8.15 4.38 21.92
N GLN A 71 9.35 4.88 21.61
CA GLN A 71 9.49 6.13 20.87
C GLN A 71 9.03 5.97 19.41
N ASP A 72 9.45 4.90 18.77
CA ASP A 72 8.96 4.64 17.41
C ASP A 72 7.45 4.49 17.41
N PHE A 73 6.90 3.81 18.42
CA PHE A 73 5.46 3.71 18.55
C PHE A 73 4.83 5.10 18.56
N GLN A 74 5.28 5.99 19.48
CA GLN A 74 4.68 7.33 19.57
C GLN A 74 4.87 8.11 18.28
N ARG A 75 6.05 8.05 17.67
CA ARG A 75 6.25 8.73 16.40
C ARG A 75 5.32 8.15 15.34
N GLU A 76 5.19 6.83 15.27
CA GLU A 76 4.35 6.29 14.21
C GLU A 76 2.88 6.69 14.42
N ALA A 77 2.39 6.74 15.67
CA ALA A 77 0.97 7.06 15.92
C ALA A 77 0.70 8.51 15.60
N GLU A 78 1.62 9.38 15.98
CA GLU A 78 1.54 10.80 15.66
C GLU A 78 1.45 11.03 14.16
N LEU A 79 2.37 10.42 13.42
CA LEU A 79 2.39 10.55 11.97
C LEU A 79 1.08 10.05 11.40
N LEU A 80 0.66 8.85 11.79
CA LEU A 80 -0.55 8.28 11.23
C LEU A 80 -1.73 9.19 11.54
N THR A 81 -1.75 9.76 12.75
CA THR A 81 -2.86 10.65 13.09
C THR A 81 -2.86 11.87 12.18
N MET A 82 -1.67 12.42 11.90
CA MET A 82 -1.59 13.60 11.03
C MET A 82 -2.11 13.30 9.63
N LEU A 83 -1.79 12.11 9.10
CA LEU A 83 -2.02 11.80 7.69
C LEU A 83 -3.39 11.27 7.39
N GLN A 84 -4.24 11.06 8.38
CA GLN A 84 -5.55 10.48 8.11
C GLN A 84 -6.24 11.21 6.95
N HIS A 85 -6.80 10.44 6.03
CA HIS A 85 -7.33 10.93 4.77
C HIS A 85 -7.94 9.75 4.02
N GLN A 86 -8.80 10.06 3.05
CA GLN A 86 -9.68 9.07 2.44
C GLN A 86 -8.98 7.81 1.96
N HIS A 87 -7.84 7.94 1.29
CA HIS A 87 -7.17 6.76 0.76
C HIS A 87 -5.87 6.45 1.47
N ILE A 88 -5.81 6.81 2.76
CA ILE A 88 -4.76 6.44 3.69
C ILE A 88 -5.35 5.51 4.76
N VAL A 89 -4.60 4.47 5.13
CA VAL A 89 -5.03 3.54 6.19
C VAL A 89 -5.58 4.31 7.40
N ARG A 90 -6.81 4.00 7.80
CA ARG A 90 -7.44 4.65 8.93
C ARG A 90 -6.90 4.08 10.23
N PHE A 91 -6.40 4.99 11.06
CA PHE A 91 -5.84 4.74 12.38
C PHE A 91 -6.76 5.40 13.39
N PHE A 92 -7.21 4.66 14.40
CA PHE A 92 -8.15 5.21 15.36
C PHE A 92 -7.48 5.72 16.63
N GLY A 93 -6.33 5.22 16.99
CA GLY A 93 -5.58 5.73 18.09
C GLY A 93 -4.87 4.61 18.81
N VAL A 94 -4.47 4.91 20.04
CA VAL A 94 -3.58 4.07 20.82
C VAL A 94 -4.27 3.67 22.11
N CYS A 95 -3.69 2.65 22.75
CA CYS A 95 -4.04 2.29 24.11
C CYS A 95 -2.73 2.18 24.86
N THR A 96 -2.45 3.20 25.66
CA THR A 96 -1.28 3.29 26.49
C THR A 96 -1.56 3.04 27.96
N GLU A 97 -2.73 2.54 28.32
CA GLU A 97 -3.03 2.29 29.74
C GLU A 97 -2.63 0.84 30.02
N GLY A 98 -1.46 0.66 30.64
CA GLY A 98 -0.90 -0.67 30.80
C GLY A 98 -0.13 -1.10 29.55
N ARG A 99 0.43 -2.29 29.64
CA ARG A 99 1.09 -3.00 28.57
C ARG A 99 0.27 -4.22 28.15
N PRO A 100 0.43 -4.70 26.92
CA PRO A 100 1.22 -4.12 25.84
C PRO A 100 0.61 -2.84 25.28
N LEU A 101 1.44 -1.96 24.76
CA LEU A 101 0.92 -0.84 23.98
C LEU A 101 0.23 -1.37 22.74
N LEU A 102 -0.94 -0.80 22.43
CA LEU A 102 -1.77 -1.20 21.29
C LEU A 102 -1.94 -0.07 20.31
N MET A 103 -1.90 -0.40 19.03
CA MET A 103 -2.33 0.51 17.98
C MET A 103 -3.60 -0.04 17.34
N VAL A 104 -4.59 0.83 17.14
CA VAL A 104 -5.90 0.38 16.69
C VAL A 104 -6.20 0.96 15.33
N PHE A 105 -6.39 0.06 14.35
CA PHE A 105 -6.64 0.37 12.95
C PHE A 105 -8.01 -0.14 12.48
N GLU A 106 -8.58 0.53 11.47
CA GLU A 106 -9.67 -0.04 10.70
C GLU A 106 -9.28 -1.42 10.16
N TYR A 107 -10.23 -2.33 10.24
CA TYR A 107 -10.03 -3.66 9.71
C TYR A 107 -10.40 -3.62 8.24
N MET A 108 -9.50 -4.14 7.39
CA MET A 108 -9.66 -4.08 5.93
C MET A 108 -9.84 -5.54 5.51
N ARG A 109 -11.08 -5.91 5.24
CA ARG A 109 -11.42 -7.34 5.21
C ARG A 109 -10.74 -8.11 4.08
N HIS A 110 -10.44 -7.49 2.94
CA HIS A 110 -9.70 -8.24 1.94
C HIS A 110 -8.20 -8.32 2.19
N GLY A 111 -7.66 -7.67 3.22
CA GLY A 111 -6.21 -7.70 3.42
C GLY A 111 -5.47 -6.86 2.39
N ASP A 112 -4.23 -7.22 2.15
CA ASP A 112 -3.32 -6.36 1.38
C ASP A 112 -3.61 -6.53 -0.12
N LEU A 113 -3.42 -5.42 -0.87
CA LEU A 113 -3.81 -5.39 -2.27
C LEU A 113 -3.06 -6.42 -3.10
N ASN A 114 -1.80 -6.76 -2.76
CA ASN A 114 -1.09 -7.74 -3.55
C ASN A 114 -1.82 -9.08 -3.46
N ARG A 115 -2.12 -9.51 -2.24
CA ARG A 115 -2.87 -10.74 -2.04
C ARG A 115 -4.27 -10.67 -2.68
N PHE A 116 -4.95 -9.54 -2.54
CA PHE A 116 -6.23 -9.41 -3.19
C PHE A 116 -6.11 -9.56 -4.70
N LEU A 117 -5.10 -8.98 -5.33
CA LEU A 117 -4.96 -9.10 -6.78
C LEU A 117 -4.68 -10.54 -7.22
N ARG A 118 -3.77 -11.21 -6.52
CA ARG A 118 -3.45 -12.59 -6.86
C ARG A 118 -4.65 -13.54 -6.73
N SER A 119 -5.62 -13.24 -5.87
CA SER A 119 -6.79 -14.13 -5.73
C SER A 119 -7.93 -13.76 -6.68
N HIS A 120 -7.78 -12.73 -7.50
CA HIS A 120 -8.71 -12.37 -8.57
C HIS A 120 -7.96 -12.24 -9.88
N GLY A 121 -6.97 -13.10 -10.07
CA GLY A 121 -6.11 -13.04 -11.22
C GLY A 121 -6.73 -13.68 -12.44
N PRO A 122 -5.95 -13.80 -13.53
CA PRO A 122 -6.52 -14.29 -14.79
C PRO A 122 -6.96 -15.75 -14.78
N ASP A 123 -6.69 -16.50 -13.70
CA ASP A 123 -7.21 -17.85 -13.58
C ASP A 123 -8.49 -17.96 -12.74
N ALA A 124 -8.88 -16.93 -11.99
CA ALA A 124 -10.03 -17.04 -11.09
C ALA A 124 -11.28 -17.40 -11.88
N LYS A 125 -12.23 -18.07 -11.22
CA LYS A 125 -13.48 -18.47 -11.87
C LYS A 125 -14.66 -18.06 -10.99
N LEU A 126 -15.78 -18.83 -11.05
CA LEU A 126 -16.99 -18.47 -10.31
C LEU A 126 -16.75 -18.47 -8.80
N LEU A 127 -15.95 -19.41 -8.30
CA LEU A 127 -15.71 -19.51 -6.87
C LEU A 127 -15.10 -18.24 -6.29
N ALA A 128 -14.22 -17.56 -7.05
CA ALA A 128 -13.52 -16.38 -6.53
C ALA A 128 -14.43 -15.16 -6.36
N GLY A 129 -15.63 -15.16 -6.93
CA GLY A 129 -16.56 -14.08 -6.67
C GLY A 129 -16.88 -14.00 -5.20
N GLY A 130 -17.56 -12.91 -4.83
CA GLY A 130 -17.93 -12.73 -3.44
C GLY A 130 -18.95 -11.62 -3.27
N GLU A 131 -19.15 -11.26 -2.01
CA GLU A 131 -20.05 -10.16 -1.66
C GLU A 131 -19.67 -8.87 -2.38
N ASP A 132 -18.38 -8.73 -2.70
CA ASP A 132 -17.73 -7.47 -3.01
C ASP A 132 -17.26 -7.36 -4.44
N VAL A 133 -17.05 -8.49 -5.08
CA VAL A 133 -16.21 -8.58 -6.27
C VAL A 133 -16.80 -9.69 -7.12
N ALA A 134 -16.89 -9.42 -8.41
CA ALA A 134 -17.39 -10.38 -9.36
C ALA A 134 -16.50 -11.61 -9.43
N PRO A 135 -17.06 -12.73 -9.90
CA PRO A 135 -16.24 -13.92 -10.16
C PRO A 135 -15.24 -13.63 -11.26
N GLY A 136 -14.24 -14.48 -11.34
CA GLY A 136 -13.22 -14.36 -12.35
C GLY A 136 -12.23 -13.24 -12.08
N PRO A 137 -11.47 -12.91 -13.11
CA PRO A 137 -10.49 -11.84 -13.00
C PRO A 137 -11.16 -10.49 -12.94
N LEU A 138 -10.66 -9.65 -12.03
CA LEU A 138 -11.06 -8.25 -12.00
C LEU A 138 -11.12 -7.72 -13.41
N GLY A 139 -12.09 -6.93 -13.68
CA GLY A 139 -12.22 -6.37 -15.01
C GLY A 139 -11.47 -5.05 -15.08
N LEU A 140 -11.27 -4.59 -16.31
CA LEU A 140 -10.56 -3.34 -16.55
C LEU A 140 -11.08 -2.22 -15.68
N GLY A 141 -12.41 -2.16 -15.50
CA GLY A 141 -12.98 -1.07 -14.73
C GLY A 141 -12.56 -1.15 -13.27
N GLN A 142 -12.48 -2.35 -12.73
CA GLN A 142 -12.11 -2.50 -11.33
C GLN A 142 -10.60 -2.27 -11.14
N LEU A 143 -9.79 -2.72 -12.11
CA LEU A 143 -8.35 -2.48 -12.08
C LEU A 143 -8.06 -0.99 -12.07
N LEU A 144 -8.81 -0.23 -12.87
CA LEU A 144 -8.57 1.20 -12.93
C LEU A 144 -9.03 1.89 -11.67
N ALA A 145 -10.16 1.47 -11.10
CA ALA A 145 -10.62 2.01 -9.83
C ALA A 145 -9.57 1.77 -8.74
N VAL A 146 -8.97 0.60 -8.69
CA VAL A 146 -7.90 0.36 -7.74
C VAL A 146 -6.73 1.32 -7.96
N ALA A 147 -6.35 1.53 -9.21
CA ALA A 147 -5.23 2.39 -9.50
C ALA A 147 -5.52 3.82 -9.16
N SER A 148 -6.71 4.29 -9.54
CA SER A 148 -7.12 5.66 -9.22
C SER A 148 -7.06 5.95 -7.74
N GLN A 149 -7.54 5.02 -6.89
CA GLN A 149 -7.55 5.26 -5.45
C GLN A 149 -6.16 5.34 -4.88
N VAL A 150 -5.26 4.42 -5.28
CA VAL A 150 -3.90 4.48 -4.76
C VAL A 150 -3.23 5.78 -5.18
N ALA A 151 -3.44 6.20 -6.43
CA ALA A 151 -2.84 7.45 -6.87
C ALA A 151 -3.42 8.64 -6.12
N ALA A 152 -4.71 8.58 -5.77
CA ALA A 152 -5.30 9.62 -4.94
C ALA A 152 -4.57 9.72 -3.60
N GLY A 153 -4.24 8.58 -3.00
CA GLY A 153 -3.50 8.61 -1.73
C GLY A 153 -2.15 9.28 -1.87
N MET A 154 -1.48 9.05 -3.00
CA MET A 154 -0.18 9.63 -3.25
C MET A 154 -0.26 11.11 -3.64
N VAL A 155 -1.37 11.56 -4.24
CA VAL A 155 -1.59 13.00 -4.38
C VAL A 155 -1.65 13.66 -3.02
N TYR A 156 -2.45 13.10 -2.12
CA TYR A 156 -2.52 13.66 -0.77
C TYR A 156 -1.14 13.73 -0.11
N LEU A 157 -0.35 12.64 -0.20
CA LEU A 157 0.93 12.64 0.51
C LEU A 157 1.93 13.58 -0.16
N ALA A 158 1.94 13.57 -1.47
CA ALA A 158 2.75 14.55 -2.19
C ALA A 158 2.30 15.97 -1.84
N GLY A 159 0.98 16.20 -1.79
CA GLY A 159 0.47 17.47 -1.28
C GLY A 159 1.08 17.85 0.05
N LEU A 160 1.21 16.90 0.96
CA LEU A 160 1.89 17.18 2.22
C LEU A 160 3.40 17.15 2.11
N HIS A 161 3.96 16.90 0.91
CA HIS A 161 5.42 16.78 0.74
C HIS A 161 5.98 15.63 1.59
N PHE A 162 5.18 14.58 1.71
CA PHE A 162 5.57 13.33 2.35
C PHE A 162 6.00 12.33 1.26
N VAL A 163 7.16 11.72 1.45
CA VAL A 163 7.70 10.68 0.58
C VAL A 163 7.47 9.31 1.24
N HIS A 164 6.98 8.33 0.46
CA HIS A 164 6.67 7.04 1.07
C HIS A 164 7.93 6.16 1.21
N ARG A 165 8.54 5.79 0.10
N ARG A 165 8.54 5.78 0.09
CA ARG A 165 9.80 5.04 0.00
CA ARG A 165 9.79 5.03 -0.01
C ARG A 165 9.56 3.55 -0.14
C ARG A 165 9.56 3.53 -0.07
N ASP A 166 8.34 3.07 0.10
CA ASP A 166 8.07 1.64 -0.08
C ASP A 166 6.65 1.48 -0.58
N LEU A 167 6.24 2.33 -1.52
CA LEU A 167 4.96 2.18 -2.16
C LEU A 167 4.95 0.89 -2.98
N ALA A 168 3.96 0.04 -2.75
CA ALA A 168 3.89 -1.25 -3.43
C ALA A 168 2.52 -1.79 -3.09
N THR A 169 2.01 -2.76 -3.89
CA THR A 169 0.65 -3.25 -3.58
C THR A 169 0.59 -3.97 -2.23
N ARG A 170 1.71 -4.60 -1.82
CA ARG A 170 1.76 -5.26 -0.51
C ARG A 170 1.53 -4.28 0.64
N ASN A 171 1.69 -2.97 0.39
CA ASN A 171 1.54 -1.97 1.44
C ASN A 171 0.24 -1.22 1.36
N CYS A 172 -0.69 -1.66 0.51
CA CYS A 172 -2.01 -1.08 0.41
C CYS A 172 -3.02 -2.10 0.93
N LEU A 173 -4.11 -1.62 1.45
CA LEU A 173 -5.13 -2.47 2.06
C LEU A 173 -6.43 -2.26 1.28
N VAL A 174 -7.22 -3.31 1.25
CA VAL A 174 -8.46 -3.34 0.48
C VAL A 174 -9.58 -3.68 1.47
N GLY A 175 -10.53 -2.77 1.57
CA GLY A 175 -11.65 -2.97 2.45
C GLY A 175 -12.92 -3.38 1.69
N GLN A 176 -13.96 -3.63 2.47
CA GLN A 176 -15.28 -3.92 1.91
C GLN A 176 -15.65 -2.88 0.86
N GLY A 177 -16.24 -3.36 -0.24
CA GLY A 177 -16.54 -2.53 -1.36
C GLY A 177 -15.36 -2.16 -2.23
N LEU A 178 -14.23 -2.84 -2.11
CA LEU A 178 -13.01 -2.50 -2.85
C LEU A 178 -12.58 -1.04 -2.64
N VAL A 179 -12.65 -0.58 -1.41
CA VAL A 179 -11.95 0.64 -1.03
C VAL A 179 -10.50 0.29 -0.78
N VAL A 180 -9.58 1.07 -1.34
CA VAL A 180 -8.14 0.78 -1.24
C VAL A 180 -7.48 1.94 -0.54
N LYS A 181 -6.61 1.64 0.42
CA LYS A 181 -5.91 2.65 1.17
C LYS A 181 -4.44 2.28 1.29
N ILE A 182 -3.60 3.29 1.32
CA ILE A 182 -2.16 3.11 1.36
C ILE A 182 -1.69 3.05 2.80
N GLY A 183 -0.79 2.10 3.07
CA GLY A 183 -0.11 2.04 4.35
C GLY A 183 1.35 1.71 4.16
N ASP A 184 1.99 1.33 5.28
CA ASP A 184 3.43 1.02 5.31
C ASP A 184 3.63 -0.04 6.39
N PHE A 185 3.69 -1.33 5.98
CA PHE A 185 3.90 -2.38 6.98
C PHE A 185 5.32 -2.39 7.55
N GLY A 186 6.24 -1.61 6.98
CA GLY A 186 7.57 -1.44 7.53
C GLY A 186 8.52 -2.61 7.34
N MET A 187 8.39 -3.35 6.25
CA MET A 187 9.17 -4.58 6.00
C MET A 187 9.07 -5.56 7.18
N SER A 188 7.90 -6.19 7.32
CA SER A 188 7.60 -7.02 8.50
C SER A 188 7.03 -8.40 8.19
N ARG A 189 6.66 -8.71 6.94
CA ARG A 189 5.95 -9.94 6.62
C ARG A 189 6.82 -10.91 5.84
N ASP A 190 6.86 -12.17 6.31
CA ASP A 190 7.74 -13.16 5.72
C ASP A 190 7.42 -13.41 4.26
N ILE A 191 6.14 -13.33 3.90
CA ILE A 191 5.70 -13.58 2.53
C ILE A 191 6.25 -12.54 1.56
N TYR A 192 6.66 -11.35 2.02
CA TYR A 192 7.25 -10.35 1.12
C TYR A 192 8.76 -10.16 1.33
N SER A 193 9.45 -11.09 2.02
CA SER A 193 10.90 -10.97 2.18
C SER A 193 11.58 -10.94 0.82
N THR A 194 11.07 -11.71 -0.14
CA THR A 194 11.59 -11.73 -1.50
C THR A 194 11.52 -10.36 -2.21
N ASP A 195 10.64 -9.48 -1.80
CA ASP A 195 10.53 -8.16 -2.40
C ASP A 195 11.57 -7.18 -1.90
N TYR A 196 12.53 -7.63 -1.11
CA TYR A 196 13.54 -6.74 -0.58
C TYR A 196 14.93 -7.33 -0.76
N TYR A 197 15.86 -6.44 -1.10
CA TYR A 197 17.28 -6.74 -1.23
C TYR A 197 17.96 -6.31 0.07
N ARG A 198 18.66 -7.27 0.69
CA ARG A 198 19.27 -7.11 2.01
C ARG A 198 20.70 -6.59 1.88
N VAL A 199 20.94 -5.38 2.39
CA VAL A 199 22.29 -4.81 2.40
C VAL A 199 22.79 -4.73 3.85
N GLY A 200 23.79 -3.88 4.09
CA GLY A 200 24.50 -3.93 5.36
C GLY A 200 23.58 -3.70 6.55
N GLY A 201 23.77 -4.50 7.60
CA GLY A 201 23.04 -4.32 8.83
C GLY A 201 21.56 -4.53 8.65
N ARG A 202 21.22 -5.60 7.95
CA ARG A 202 19.83 -5.92 7.59
C ARG A 202 19.07 -4.65 7.21
N THR A 203 19.66 -3.87 6.31
CA THR A 203 18.91 -2.86 5.57
C THR A 203 18.25 -3.54 4.37
N MET A 204 17.00 -3.17 4.12
CA MET A 204 16.20 -3.82 3.09
C MET A 204 15.77 -2.79 2.05
N LEU A 205 16.11 -3.06 0.82
CA LEU A 205 15.72 -2.13 -0.19
C LEU A 205 14.72 -2.81 -1.08
N PRO A 206 13.58 -2.18 -1.33
CA PRO A 206 12.65 -2.67 -2.36
C PRO A 206 13.11 -2.24 -3.75
N ILE A 207 14.27 -2.76 -4.18
CA ILE A 207 14.89 -2.26 -5.41
C ILE A 207 13.93 -2.34 -6.60
N ARG A 208 13.12 -3.40 -6.70
CA ARG A 208 12.29 -3.57 -7.90
C ARG A 208 11.31 -2.44 -8.06
N TRP A 209 10.99 -1.71 -6.99
CA TRP A 209 10.09 -0.56 -7.06
C TRP A 209 10.83 0.76 -7.11
N MET A 210 12.19 0.72 -7.10
CA MET A 210 12.94 2.00 -6.94
C MET A 210 13.42 2.52 -8.29
N PRO A 211 13.42 3.85 -8.47
CA PRO A 211 13.94 4.43 -9.70
C PRO A 211 15.46 4.47 -9.73
N PRO A 212 16.05 4.83 -10.88
CA PRO A 212 17.53 4.83 -10.97
C PRO A 212 18.21 5.79 -10.03
N GLU A 213 17.62 6.97 -9.80
CA GLU A 213 18.32 7.90 -8.89
C GLU A 213 18.32 7.39 -7.44
N SER A 214 17.35 6.55 -7.07
CA SER A 214 17.38 5.90 -5.76
C SER A 214 18.44 4.83 -5.74
N ILE A 215 18.51 4.03 -6.78
CA ILE A 215 19.50 2.96 -6.76
C ILE A 215 20.90 3.54 -6.80
N LEU A 216 21.13 4.48 -7.71
CA LEU A 216 22.49 4.97 -7.94
C LEU A 216 22.91 5.97 -6.85
N TYR A 217 22.12 7.01 -6.62
CA TYR A 217 22.48 8.14 -5.76
C TYR A 217 21.86 8.10 -4.37
N ARG A 218 21.03 7.10 -4.07
CA ARG A 218 20.47 6.96 -2.72
C ARG A 218 19.56 8.14 -2.40
N LYS A 219 18.96 8.73 -3.44
CA LYS A 219 17.98 9.80 -3.34
C LYS A 219 16.55 9.27 -3.52
N PHE A 220 15.65 9.73 -2.67
N PHE A 220 15.61 9.73 -2.71
CA PHE A 220 14.23 9.44 -2.75
CA PHE A 220 14.20 9.37 -2.90
C PHE A 220 13.50 10.78 -2.64
C PHE A 220 13.39 10.61 -2.60
N THR A 221 12.65 11.08 -3.61
CA THR A 221 11.86 12.29 -3.58
C THR A 221 10.43 11.97 -3.96
N THR A 222 9.56 13.00 -4.00
CA THR A 222 8.20 12.80 -4.51
C THR A 222 8.23 12.23 -5.93
N GLU A 223 9.23 12.65 -6.73
CA GLU A 223 9.36 12.10 -8.09
C GLU A 223 9.77 10.64 -8.09
N SER A 224 10.48 10.16 -7.08
CA SER A 224 10.73 8.73 -7.00
C SER A 224 9.46 7.98 -6.62
N ASP A 225 8.51 8.64 -5.94
CA ASP A 225 7.26 7.97 -5.64
C ASP A 225 6.41 7.85 -6.90
N VAL A 226 6.58 8.75 -7.89
CA VAL A 226 5.75 8.58 -9.09
C VAL A 226 6.26 7.40 -9.91
N TRP A 227 7.57 7.14 -9.87
CA TRP A 227 8.15 5.95 -10.51
C TRP A 227 7.66 4.67 -9.82
N SER A 228 7.74 4.64 -8.50
CA SER A 228 7.22 3.55 -7.69
C SER A 228 5.76 3.29 -8.00
N PHE A 229 4.95 4.36 -8.10
CA PHE A 229 3.54 4.22 -8.48
C PHE A 229 3.38 3.56 -9.84
N GLY A 230 4.23 3.93 -10.80
CA GLY A 230 4.17 3.26 -12.09
C GLY A 230 4.37 1.77 -11.97
N VAL A 231 5.25 1.35 -11.04
CA VAL A 231 5.42 -0.08 -10.79
C VAL A 231 4.17 -0.65 -10.11
N VAL A 232 3.53 0.17 -9.24
CA VAL A 232 2.27 -0.27 -8.62
C VAL A 232 1.22 -0.54 -9.71
N LEU A 233 1.09 0.38 -10.67
CA LEU A 233 0.20 0.19 -11.80
C LEU A 233 0.48 -1.11 -12.54
N TRP A 234 1.73 -1.40 -12.79
CA TRP A 234 2.13 -2.64 -13.45
C TRP A 234 1.77 -3.84 -12.60
N GLU A 235 2.06 -3.79 -11.30
CA GLU A 235 1.59 -4.84 -10.40
C GLU A 235 0.07 -5.05 -10.55
N ILE A 236 -0.69 -3.95 -10.64
CA ILE A 236 -2.13 -4.10 -10.63
C ILE A 236 -2.60 -4.80 -11.90
N PHE A 237 -2.05 -4.45 -13.06
CA PHE A 237 -2.46 -5.00 -14.33
C PHE A 237 -1.79 -6.31 -14.67
N THR A 238 -0.84 -6.77 -13.85
CA THR A 238 -0.39 -8.16 -13.89
C THR A 238 -1.05 -9.01 -12.82
N TYR A 239 -1.96 -8.48 -12.02
CA TYR A 239 -2.64 -9.24 -10.97
C TYR A 239 -1.64 -9.59 -9.87
N GLY A 240 -0.72 -8.68 -9.59
CA GLY A 240 0.14 -8.90 -8.45
C GLY A 240 1.43 -9.63 -8.68
N LYS A 241 1.90 -9.77 -9.92
CA LYS A 241 3.20 -10.37 -10.20
C LYS A 241 4.27 -9.44 -9.66
N GLN A 242 5.37 -10.02 -9.28
CA GLN A 242 6.51 -9.26 -8.82
C GLN A 242 7.21 -8.63 -10.03
N PRO A 243 7.48 -7.32 -10.02
CA PRO A 243 8.22 -6.72 -11.13
C PRO A 243 9.59 -7.37 -11.29
N TRP A 244 9.99 -7.57 -12.52
CA TRP A 244 11.27 -8.22 -12.83
C TRP A 244 11.36 -9.59 -12.17
N TYR A 245 10.21 -10.28 -12.03
CA TYR A 245 10.21 -11.58 -11.37
C TYR A 245 11.21 -12.55 -12.04
N GLN A 246 11.44 -12.41 -13.32
CA GLN A 246 12.39 -13.28 -14.00
C GLN A 246 13.85 -12.94 -13.66
N LEU A 247 14.12 -11.88 -12.87
CA LEU A 247 15.48 -11.44 -12.57
C LEU A 247 15.86 -11.59 -11.10
N SER A 248 17.12 -11.94 -10.86
CA SER A 248 17.68 -11.79 -9.51
C SER A 248 17.74 -10.31 -9.11
N ASN A 249 17.99 -10.06 -7.82
CA ASN A 249 18.06 -8.68 -7.32
C ASN A 249 19.14 -7.86 -8.03
N THR A 250 20.32 -8.44 -8.23
CA THR A 250 21.42 -7.70 -8.89
C THR A 250 21.15 -7.52 -10.38
N GLU A 251 20.56 -8.53 -11.03
CA GLU A 251 20.11 -8.34 -12.41
C GLU A 251 19.04 -7.28 -12.51
N ALA A 252 18.15 -7.22 -11.52
CA ALA A 252 17.15 -6.16 -11.49
C ALA A 252 17.79 -4.76 -11.33
N ILE A 253 18.78 -4.62 -10.44
CA ILE A 253 19.52 -3.35 -10.37
C ILE A 253 20.15 -3.00 -11.72
N ASP A 254 20.74 -4.00 -12.40
CA ASP A 254 21.38 -3.73 -13.69
C ASP A 254 20.37 -3.25 -14.72
N CYS A 255 19.19 -3.92 -14.78
CA CYS A 255 18.19 -3.58 -15.79
C CYS A 255 17.61 -2.22 -15.49
N ILE A 256 17.33 -1.96 -14.24
CA ILE A 256 16.72 -0.68 -13.88
C ILE A 256 17.71 0.44 -14.14
N THR A 257 18.98 0.28 -13.67
CA THR A 257 19.92 1.38 -13.84
C THR A 257 20.28 1.62 -15.30
N GLN A 258 20.24 0.59 -16.14
CA GLN A 258 20.60 0.71 -17.55
C GLN A 258 19.44 1.07 -18.46
N GLY A 259 18.23 1.29 -17.93
CA GLY A 259 17.12 1.85 -18.67
C GLY A 259 16.08 0.86 -19.16
N ARG A 260 16.14 -0.38 -18.73
CA ARG A 260 15.16 -1.36 -19.18
C ARG A 260 13.79 -1.06 -18.56
N GLU A 261 12.71 -1.31 -19.32
CA GLU A 261 11.37 -0.95 -18.89
C GLU A 261 10.50 -2.18 -18.75
N LEU A 262 9.61 -2.18 -17.76
CA LEU A 262 8.71 -3.33 -17.63
C LEU A 262 7.80 -3.38 -18.85
N GLU A 263 7.66 -4.60 -19.35
CA GLU A 263 6.77 -4.99 -20.43
C GLU A 263 5.30 -4.72 -20.13
N ARG A 264 4.54 -4.35 -21.15
CA ARG A 264 3.13 -4.09 -20.97
C ARG A 264 2.44 -5.38 -20.52
N PRO A 265 1.64 -5.34 -19.45
CA PRO A 265 0.89 -6.55 -19.06
C PRO A 265 -0.15 -6.91 -20.12
N ARG A 266 -0.46 -8.20 -20.20
CA ARG A 266 -1.51 -8.61 -21.13
C ARG A 266 -2.82 -7.89 -20.83
N ALA A 267 -3.22 -7.83 -19.57
CA ALA A 267 -4.46 -7.19 -19.25
C ALA A 267 -4.38 -5.68 -19.33
N CYS A 268 -3.24 -5.07 -19.77
CA CYS A 268 -3.07 -3.61 -19.69
C CYS A 268 -3.30 -3.00 -21.05
N PRO A 269 -4.25 -2.12 -21.25
CA PRO A 269 -4.45 -1.51 -22.54
C PRO A 269 -3.30 -0.52 -22.84
N PRO A 270 -2.91 -0.37 -24.10
CA PRO A 270 -1.86 0.59 -24.44
C PRO A 270 -2.02 1.99 -23.88
N GLU A 271 -3.24 2.45 -23.67
CA GLU A 271 -3.43 3.78 -23.08
C GLU A 271 -2.97 3.81 -21.62
N VAL A 272 -3.22 2.73 -20.87
CA VAL A 272 -2.77 2.68 -19.48
C VAL A 272 -1.26 2.46 -19.43
N TYR A 273 -0.75 1.67 -20.37
CA TYR A 273 0.69 1.48 -20.46
C TYR A 273 1.42 2.79 -20.74
N ALA A 274 0.77 3.73 -21.42
CA ALA A 274 1.39 5.04 -21.60
C ALA A 274 1.47 5.79 -20.27
N ILE A 275 0.47 5.62 -19.41
CA ILE A 275 0.57 6.20 -18.07
C ILE A 275 1.76 5.62 -17.32
N MET A 276 1.96 4.29 -17.39
CA MET A 276 3.13 3.76 -16.68
C MET A 276 4.42 4.37 -17.22
N ARG A 277 4.58 4.38 -18.54
CA ARG A 277 5.78 4.90 -19.19
C ARG A 277 6.04 6.35 -18.80
N GLY A 278 4.99 7.14 -18.66
CA GLY A 278 5.17 8.49 -18.17
C GLY A 278 5.71 8.58 -16.76
N CYS A 279 5.42 7.57 -15.92
CA CYS A 279 5.99 7.53 -14.58
C CYS A 279 7.45 7.14 -14.59
N TRP A 280 7.90 6.48 -15.64
CA TRP A 280 9.24 5.90 -15.70
C TRP A 280 10.20 6.67 -16.60
N GLN A 281 9.89 7.93 -16.92
CA GLN A 281 10.91 8.80 -17.50
C GLN A 281 12.17 8.78 -16.65
N ARG A 282 13.31 8.72 -17.35
CA ARG A 282 14.57 8.48 -16.65
C ARG A 282 14.92 9.64 -15.74
N GLU A 283 14.70 10.87 -16.21
CA GLU A 283 15.05 12.03 -15.41
C GLU A 283 13.88 12.41 -14.53
N PRO A 284 14.08 12.55 -13.23
CA PRO A 284 12.92 12.74 -12.34
C PRO A 284 11.99 13.87 -12.76
N GLN A 285 12.52 14.98 -13.30
CA GLN A 285 11.66 16.13 -13.57
C GLN A 285 10.89 15.96 -14.86
N GLN A 286 11.30 15.01 -15.69
CA GLN A 286 10.54 14.66 -16.88
C GLN A 286 9.35 13.73 -16.56
N ARG A 287 9.26 13.21 -15.34
CA ARG A 287 8.14 12.34 -14.99
C ARG A 287 6.88 13.15 -14.86
N HIS A 288 5.75 12.54 -15.20
CA HIS A 288 4.49 13.21 -14.96
C HIS A 288 4.26 13.44 -13.46
N SER A 289 3.45 14.42 -13.17
CA SER A 289 2.98 14.70 -11.83
C SER A 289 1.99 13.62 -11.40
N ILE A 290 1.97 13.32 -10.09
CA ILE A 290 1.05 12.28 -9.63
C ILE A 290 -0.38 12.78 -9.73
N LYS A 291 -0.57 14.09 -9.57
CA LYS A 291 -1.88 14.72 -9.78
C LYS A 291 -2.40 14.46 -11.20
N ASP A 292 -1.53 14.60 -12.20
CA ASP A 292 -1.89 14.30 -13.58
C ASP A 292 -2.15 12.81 -13.78
N VAL A 293 -1.29 11.97 -13.23
CA VAL A 293 -1.47 10.52 -13.33
C VAL A 293 -2.82 10.14 -12.73
N HIS A 294 -3.10 10.61 -11.50
CA HIS A 294 -4.39 10.37 -10.87
C HIS A 294 -5.54 10.82 -11.76
N ALA A 295 -5.45 12.04 -12.31
CA ALA A 295 -6.55 12.57 -13.11
C ALA A 295 -6.87 11.68 -14.30
N ARG A 296 -5.83 11.20 -15.00
CA ARG A 296 -6.00 10.30 -16.13
C ARG A 296 -6.60 8.96 -15.71
N LEU A 297 -6.12 8.39 -14.61
CA LEU A 297 -6.70 7.12 -14.17
C LEU A 297 -8.13 7.31 -13.68
N GLN A 298 -8.43 8.43 -13.03
CA GLN A 298 -9.81 8.68 -12.63
C GLN A 298 -10.70 8.82 -13.87
N ALA A 299 -10.28 9.63 -14.84
CA ALA A 299 -11.06 9.76 -16.06
C ALA A 299 -11.38 8.39 -16.65
N LEU A 300 -10.37 7.51 -16.72
CA LEU A 300 -10.56 6.17 -17.24
C LEU A 300 -11.43 5.32 -16.32
N ALA A 301 -11.25 5.48 -15.01
CA ALA A 301 -12.03 4.66 -14.07
C ALA A 301 -13.50 4.98 -14.19
N GLN A 302 -13.83 6.26 -14.38
CA GLN A 302 -15.20 6.73 -14.43
C GLN A 302 -15.82 6.67 -15.82
N ALA A 303 -15.07 6.21 -16.83
CA ALA A 303 -15.52 6.30 -18.21
C ALA A 303 -16.68 5.34 -18.43
N PRO A 304 -17.59 5.65 -19.35
CA PRO A 304 -18.71 4.73 -19.58
C PRO A 304 -18.21 3.44 -20.20
N PRO A 305 -18.98 2.37 -20.09
CA PRO A 305 -18.54 1.13 -20.74
C PRO A 305 -18.28 1.26 -22.24
N VAL A 306 -19.05 2.09 -22.94
CA VAL A 306 -18.81 2.32 -24.36
C VAL A 306 -17.34 2.68 -24.59
N TYR A 307 -16.80 3.55 -23.76
CA TYR A 307 -15.43 4.03 -23.96
C TYR A 307 -14.44 2.97 -23.53
N LEU A 308 -14.64 2.38 -22.36
CA LEU A 308 -13.71 1.39 -21.88
C LEU A 308 -13.65 0.19 -22.82
N ASP A 309 -14.78 -0.15 -23.45
CA ASP A 309 -14.83 -1.26 -24.38
C ASP A 309 -13.68 -1.22 -25.38
N VAL A 310 -13.38 -0.04 -25.94
CA VAL A 310 -12.52 0.08 -27.11
C VAL A 310 -11.10 0.49 -26.68
N LEU A 311 -10.73 0.14 -25.47
CA LEU A 311 -9.36 0.37 -25.01
C LEU A 311 -8.52 -0.90 -25.19
#